data_5WUS
#
_entry.id   5WUS
#
_cell.length_a   71.887
_cell.length_b   71.887
_cell.length_c   177.477
_cell.angle_alpha   90.00
_cell.angle_beta   90.00
_cell.angle_gamma   90.00
#
_symmetry.space_group_name_H-M   'P 41 21 2'
#
loop_
_entity.id
_entity.type
_entity.pdbx_description
1 polymer Chitinase
2 water water
#
_entity_poly.entity_id   1
_entity_poly.type   'polypeptide(L)'
_entity_poly.pdbx_seq_one_letter_code
;EPQVLCYLTSWSSKRPSAGRFMPENVDPTLCTHVIYAFATLKDHKLTEADEKDADMYDKVVALREKNPNLKILLAIGGWA
FGSTPFKELTSNVFRMNQFVYEAIEFLRDYQFNGLDVDWEYPRGADDRAAFVSLLKELRLAFEGEAKTSGQPRLLLTAAV
PASFEAIAAGYDVPEISKYLDFINVMTYDFHGQWERQVGHNSPLFPLESATSYQKKLTVDYSAREWVRQGAPKEKLMIGM
PTYGRSFTLINDTQFDIGAPASGGGQAGRFTNEAGFMSYYEICEFLREDNTTLVWDNEQMVPFAYREDQWVGFDDERSLK
TKMAWLKEEGFGGIMVWSVDMDDFRGSCGTGKYPLITAMKQELSGYKVKLEYDGPYESSSPTGQYTTKDPHEVTCEEEDG
HISYHKDHADCTMYYMCEGERKHHMPCPSNLVFNPNENVCDWPENVEGCQQHTQAPAAKR
;
_entity_poly.pdbx_strand_id   A
#
# COMPACT_ATOMS: atom_id res chain seq x y z
N GLU A 1 19.57 -6.13 0.88
CA GLU A 1 18.43 -6.26 1.77
C GLU A 1 17.25 -5.33 1.41
N PRO A 2 16.77 -5.38 0.13
CA PRO A 2 15.55 -4.61 -0.13
C PRO A 2 14.34 -5.35 0.47
N GLN A 3 13.43 -4.62 1.09
CA GLN A 3 12.29 -5.24 1.72
C GLN A 3 11.05 -5.22 0.84
N VAL A 4 10.18 -6.20 1.03
CA VAL A 4 8.94 -6.34 0.28
C VAL A 4 7.81 -6.53 1.29
N LEU A 5 7.07 -5.46 1.56
CA LEU A 5 5.99 -5.53 2.54
C LEU A 5 4.68 -5.64 1.79
N CYS A 6 3.99 -6.76 1.97
CA CYS A 6 2.72 -6.99 1.27
C CYS A 6 1.51 -6.86 2.18
N TYR A 7 0.55 -6.01 1.81
CA TYR A 7 -0.70 -5.92 2.57
C TYR A 7 -1.60 -7.11 2.24
N LEU A 8 -2.29 -7.62 3.26
CA LEU A 8 -3.32 -8.64 3.07
C LEU A 8 -4.62 -8.05 3.61
N THR A 9 -5.61 -7.84 2.75
CA THR A 9 -6.88 -7.28 3.22
C THR A 9 -7.79 -8.37 3.79
N SER A 10 -8.35 -8.13 4.97
CA SER A 10 -9.22 -9.10 5.64
C SER A 10 -10.43 -9.40 4.78
N TRP A 11 -10.96 -8.38 4.12
CA TRP A 11 -12.20 -8.55 3.38
C TRP A 11 -12.06 -9.34 2.09
N SER A 12 -10.83 -9.70 1.73
CA SER A 12 -10.61 -10.50 0.52
C SER A 12 -11.14 -11.91 0.70
N SER A 13 -11.31 -12.32 1.96
CA SER A 13 -11.85 -13.64 2.27
C SER A 13 -13.33 -13.72 1.93
N LYS A 14 -13.95 -12.56 1.70
CA LYS A 14 -15.38 -12.48 1.46
C LYS A 14 -15.75 -12.46 -0.01
N ARG A 15 -14.77 -12.40 -0.89
CA ARG A 15 -15.03 -12.44 -2.32
C ARG A 15 -15.54 -13.79 -2.87
N PRO A 16 -16.32 -13.75 -3.92
CA PRO A 16 -16.92 -14.94 -4.53
C PRO A 16 -16.17 -15.86 -5.45
N SER A 17 -16.16 -17.14 -5.11
CA SER A 17 -15.48 -18.16 -5.88
C SER A 17 -14.08 -17.66 -5.95
N ALA A 18 -13.47 -17.90 -7.10
CA ALA A 18 -12.04 -17.81 -7.36
C ALA A 18 -11.37 -16.57 -6.76
N GLY A 19 -12.14 -15.52 -6.63
CA GLY A 19 -11.72 -14.30 -5.98
C GLY A 19 -11.37 -14.52 -4.54
N ARG A 20 -12.10 -15.43 -3.92
CA ARG A 20 -11.91 -15.66 -2.49
C ARG A 20 -10.43 -15.87 -2.18
N PHE A 21 -9.92 -15.08 -1.24
CA PHE A 21 -8.53 -15.19 -0.83
C PHE A 21 -8.44 -15.43 0.67
N MET A 22 -7.63 -16.42 1.04
CA MET A 22 -7.42 -16.78 2.43
C MET A 22 -5.94 -16.67 2.71
N PRO A 23 -5.55 -16.50 3.98
CA PRO A 23 -4.14 -16.47 4.35
C PRO A 23 -3.36 -17.63 3.75
N GLU A 24 -3.97 -18.81 3.68
CA GLU A 24 -3.33 -19.99 3.10
C GLU A 24 -2.82 -19.73 1.69
N ASN A 25 -3.55 -18.88 0.97
CA ASN A 25 -3.20 -18.57 -0.42
C ASN A 25 -1.88 -17.79 -0.54
N VAL A 26 -1.36 -17.30 0.57
CA VAL A 26 -0.13 -16.50 0.55
C VAL A 26 1.13 -17.35 0.34
N ASP A 27 1.86 -17.07 -0.73
CA ASP A 27 3.17 -17.66 -0.96
C ASP A 27 4.12 -17.05 0.07
N PRO A 28 4.55 -17.85 1.04
CA PRO A 28 5.33 -17.26 2.14
C PRO A 28 6.75 -16.87 1.73
N THR A 29 7.11 -17.11 0.47
CA THR A 29 8.45 -16.79 -0.01
C THR A 29 8.51 -15.46 -0.76
N LEU A 30 7.34 -14.94 -1.14
CA LEU A 30 7.25 -13.72 -1.94
C LEU A 30 7.70 -12.48 -1.19
N CYS A 31 7.16 -12.29 -0.01
CA CYS A 31 7.29 -11.04 0.73
C CYS A 31 8.18 -11.23 1.93
N THR A 32 8.83 -10.15 2.38
CA THR A 32 9.58 -10.21 3.62
C THR A 32 8.66 -9.93 4.79
N HIS A 33 7.61 -9.14 4.55
CA HIS A 33 6.61 -8.88 5.57
C HIS A 33 5.22 -9.05 4.99
N VAL A 34 4.30 -9.55 5.79
CA VAL A 34 2.90 -9.56 5.43
C VAL A 34 2.19 -8.70 6.45
N ILE A 35 1.47 -7.68 5.98
CA ILE A 35 0.72 -6.80 6.88
C ILE A 35 -0.77 -7.08 6.73
N TYR A 36 -1.41 -7.51 7.82
CA TYR A 36 -2.82 -7.84 7.80
C TYR A 36 -3.68 -6.64 8.16
N ALA A 37 -4.58 -6.26 7.26
CA ALA A 37 -5.43 -5.08 7.39
C ALA A 37 -6.93 -5.43 7.36
N PHE A 38 -7.71 -4.95 8.32
CA PHE A 38 -7.28 -4.07 9.39
C PHE A 38 -7.90 -4.57 10.69
N ALA A 39 -7.21 -4.36 11.81
CA ALA A 39 -7.84 -4.45 13.11
C ALA A 39 -8.54 -3.12 13.38
N THR A 40 -9.13 -2.96 14.54
CA THR A 40 -9.83 -1.73 14.86
C THR A 40 -9.52 -1.27 16.29
N LEU A 41 -10.12 -0.15 16.68
CA LEU A 41 -10.10 0.31 18.07
C LEU A 41 -11.48 0.14 18.70
N LYS A 42 -11.53 -0.48 19.87
CA LYS A 42 -12.76 -0.54 20.67
C LYS A 42 -12.42 -0.20 22.12
N ASP A 43 -13.00 0.87 22.59
CA ASP A 43 -12.62 1.49 23.84
C ASP A 43 -11.16 1.80 23.84
N HIS A 44 -10.74 2.40 22.73
CA HIS A 44 -9.40 2.94 22.58
C HIS A 44 -8.33 1.90 22.81
N LYS A 45 -8.68 0.65 22.50
CA LYS A 45 -7.76 -0.46 22.64
C LYS A 45 -7.69 -1.20 21.32
N LEU A 46 -6.54 -1.79 21.05
CA LEU A 46 -6.37 -2.55 19.81
C LEU A 46 -7.21 -3.81 19.91
N THR A 47 -8.16 -3.98 19.00
CA THR A 47 -8.95 -5.20 19.06
C THR A 47 -9.39 -5.74 17.70
N GLU A 48 -9.80 -6.98 17.67
CA GLU A 48 -10.15 -7.62 16.46
C GLU A 48 -11.42 -7.00 15.95
N ALA A 49 -11.51 -6.76 14.65
CA ALA A 49 -12.64 -6.04 14.06
C ALA A 49 -13.91 -6.87 13.99
N ASP A 50 -13.75 -8.16 13.72
CA ASP A 50 -14.88 -9.08 13.67
C ASP A 50 -14.48 -10.30 14.47
N GLU A 51 -15.47 -10.99 15.05
CA GLU A 51 -15.17 -12.18 15.82
C GLU A 51 -14.52 -13.27 14.96
N LYS A 52 -14.81 -13.27 13.67
CA LYS A 52 -14.20 -14.24 12.77
C LYS A 52 -12.71 -13.96 12.49
N ASP A 53 -12.25 -12.76 12.87
CA ASP A 53 -10.88 -12.35 12.57
C ASP A 53 -9.79 -13.11 13.34
N ALA A 54 -10.10 -13.48 14.59
CA ALA A 54 -9.09 -14.08 15.45
C ALA A 54 -8.48 -15.33 14.81
N ASP A 55 -9.32 -16.13 14.16
CA ASP A 55 -8.87 -17.34 13.49
C ASP A 55 -8.04 -16.97 12.27
N MET A 56 -8.39 -15.85 11.64
CA MET A 56 -7.63 -15.33 10.51
C MET A 56 -6.25 -14.86 10.95
N TYR A 57 -6.20 -14.12 12.07
CA TYR A 57 -4.91 -13.68 12.62
C TYR A 57 -4.05 -14.90 12.82
N ASP A 58 -4.63 -15.93 13.41
CA ASP A 58 -3.92 -17.18 13.65
C ASP A 58 -3.42 -17.76 12.35
N LYS A 59 -4.26 -17.75 11.33
CA LYS A 59 -3.84 -18.26 10.03
C LYS A 59 -2.73 -17.42 9.39
N VAL A 60 -2.79 -16.11 9.48
CA VAL A 60 -1.75 -15.30 8.86
C VAL A 60 -0.44 -15.48 9.55
N VAL A 61 -0.43 -15.38 10.85
CA VAL A 61 0.74 -15.72 11.58
C VAL A 61 0.81 -17.20 11.33
N ALA A 62 1.98 -17.78 11.31
CA ALA A 62 2.00 -19.23 11.12
C ALA A 62 2.07 -19.51 9.65
N LEU A 63 2.05 -18.44 8.87
CA LEU A 63 2.60 -18.50 7.53
C LEU A 63 4.04 -18.81 7.89
N ARG A 64 4.45 -18.22 9.00
CA ARG A 64 5.82 -18.27 9.49
C ARG A 64 6.36 -19.68 9.55
N GLU A 65 5.48 -20.62 9.83
CA GLU A 65 5.84 -22.00 10.01
C GLU A 65 6.41 -22.58 8.74
N LYS A 66 6.33 -21.82 7.68
CA LYS A 66 6.59 -22.28 6.33
C LYS A 66 7.73 -21.41 5.78
N ASN A 67 8.01 -20.34 6.52
CA ASN A 67 9.11 -19.44 6.24
C ASN A 67 9.38 -18.62 7.50
N PRO A 68 10.25 -19.14 8.39
CA PRO A 68 10.41 -18.61 9.74
C PRO A 68 11.06 -17.24 9.77
N ASN A 69 11.49 -16.73 8.63
CA ASN A 69 12.06 -15.39 8.56
C ASN A 69 11.01 -14.33 8.21
N LEU A 70 9.86 -14.79 7.73
CA LEU A 70 8.76 -13.92 7.34
C LEU A 70 8.22 -13.17 8.56
N LYS A 71 8.14 -11.85 8.47
CA LYS A 71 7.52 -11.07 9.53
C LYS A 71 6.02 -10.87 9.24
N ILE A 72 5.22 -10.91 10.29
CA ILE A 72 3.78 -10.71 10.17
C ILE A 72 3.36 -9.50 10.99
N LEU A 73 2.73 -8.53 10.35
CA LEU A 73 2.30 -7.34 11.10
C LEU A 73 0.79 -7.18 11.06
N LEU A 74 0.25 -6.47 12.04
CA LEU A 74 -1.17 -6.13 12.05
C LEU A 74 -1.30 -4.63 11.87
N ALA A 75 -2.20 -4.23 10.97
CA ALA A 75 -2.44 -2.81 10.68
C ALA A 75 -3.71 -2.31 11.36
N ILE A 76 -3.66 -1.09 11.89
CA ILE A 76 -4.88 -0.43 12.34
C ILE A 76 -5.08 0.86 11.60
N GLY A 77 -6.34 1.23 11.39
CA GLY A 77 -6.68 2.45 10.69
C GLY A 77 -7.27 2.14 9.32
N GLY A 78 -6.75 2.83 8.30
CA GLY A 78 -7.31 2.73 6.96
C GLY A 78 -8.31 3.84 6.70
N TRP A 79 -8.64 4.04 5.43
CA TRP A 79 -9.50 5.13 5.00
C TRP A 79 -10.85 5.16 5.68
N ALA A 80 -11.56 4.04 5.63
CA ALA A 80 -12.86 3.92 6.28
C ALA A 80 -12.84 4.28 7.77
N PHE A 81 -11.78 3.85 8.46
CA PHE A 81 -11.63 4.06 9.90
C PHE A 81 -11.60 5.53 10.26
N GLY A 82 -10.98 6.33 9.39
CA GLY A 82 -11.01 7.77 9.54
C GLY A 82 -10.06 8.31 10.60
N SER A 83 -10.22 9.60 10.89
CA SER A 83 -9.30 10.35 11.74
C SER A 83 -9.72 10.42 13.22
N THR A 84 -11.03 10.44 13.48
CA THR A 84 -11.56 10.65 14.84
C THR A 84 -11.08 9.65 15.90
N PRO A 85 -11.07 8.35 15.59
CA PRO A 85 -10.56 7.44 16.62
C PRO A 85 -9.09 7.71 16.97
N PHE A 86 -8.27 8.08 15.98
CA PHE A 86 -6.87 8.39 16.25
C PHE A 86 -6.73 9.66 17.07
N LYS A 87 -7.58 10.64 16.79
CA LYS A 87 -7.62 11.85 17.58
C LYS A 87 -7.99 11.58 19.05
N GLU A 88 -8.96 10.69 19.25
CA GLU A 88 -9.41 10.36 20.59
C GLU A 88 -8.41 9.48 21.31
N LEU A 89 -7.74 8.62 20.55
CA LEU A 89 -6.67 7.80 21.08
C LEU A 89 -5.57 8.65 21.71
N THR A 90 -5.23 9.75 21.04
CA THR A 90 -4.07 10.55 21.41
C THR A 90 -4.46 11.78 22.21
N SER A 91 -5.71 11.85 22.65
CA SER A 91 -6.17 13.03 23.38
C SER A 91 -5.68 13.10 24.84
N ASN A 92 -5.36 11.96 25.45
CA ASN A 92 -4.70 11.97 26.77
C ASN A 92 -3.70 10.84 26.99
N VAL A 93 -2.75 11.08 27.90
CA VAL A 93 -1.58 10.21 28.01
C VAL A 93 -1.95 8.82 28.55
N PHE A 94 -2.96 8.75 29.42
CA PHE A 94 -3.26 7.50 30.10
C PHE A 94 -3.87 6.51 29.13
N ARG A 95 -4.86 6.99 28.39
CA ARG A 95 -5.48 6.24 27.31
C ARG A 95 -4.41 5.81 26.31
N MET A 96 -3.64 6.79 25.85
CA MET A 96 -2.57 6.54 24.89
C MET A 96 -1.57 5.47 25.39
N ASN A 97 -1.09 5.66 26.62
CA ASN A 97 -0.14 4.73 27.21
C ASN A 97 -0.75 3.34 27.39
N GLN A 98 -1.98 3.31 27.90
CA GLN A 98 -2.67 2.05 28.10
C GLN A 98 -2.95 1.34 26.77
N PHE A 99 -3.31 2.11 25.74
CA PHE A 99 -3.38 1.55 24.40
C PHE A 99 -2.03 0.93 24.07
N VAL A 100 -0.97 1.68 24.29
CA VAL A 100 0.36 1.15 23.99
C VAL A 100 0.68 -0.16 24.73
N TYR A 101 0.51 -0.18 26.04
CA TYR A 101 0.86 -1.38 26.81
C TYR A 101 -0.01 -2.59 26.44
N GLU A 102 -1.29 -2.35 26.20
CA GLU A 102 -2.19 -3.45 25.82
C GLU A 102 -1.98 -3.92 24.38
N ALA A 103 -1.69 -2.98 23.48
CA ALA A 103 -1.41 -3.33 22.09
C ALA A 103 -0.25 -4.33 22.06
N ILE A 104 0.79 -4.07 22.84
CA ILE A 104 1.92 -4.96 22.95
C ILE A 104 1.48 -6.36 23.41
N GLU A 105 0.63 -6.41 24.43
CA GLU A 105 0.12 -7.70 24.90
C GLU A 105 -0.74 -8.38 23.84
N PHE A 106 -1.59 -7.61 23.18
CA PHE A 106 -2.43 -8.11 22.10
C PHE A 106 -1.55 -8.73 21.03
N LEU A 107 -0.49 -8.01 20.66
CA LEU A 107 0.40 -8.43 19.59
C LEU A 107 1.22 -9.64 19.98
N ARG A 108 1.75 -9.63 21.20
CA ARG A 108 2.53 -10.75 21.71
C ARG A 108 1.64 -11.99 21.85
N ASP A 109 0.39 -11.79 22.24
CA ASP A 109 -0.56 -12.89 22.36
C ASP A 109 -0.80 -13.60 21.03
N TYR A 110 -0.99 -12.84 19.96
CA TYR A 110 -1.18 -13.41 18.64
C TYR A 110 0.15 -13.76 17.99
N GLN A 111 1.23 -13.35 18.65
CA GLN A 111 2.58 -13.54 18.15
C GLN A 111 2.83 -12.79 16.84
N PHE A 112 2.35 -11.55 16.77
CA PHE A 112 2.67 -10.69 15.63
C PHE A 112 4.09 -10.13 15.76
N ASN A 113 4.69 -9.73 14.64
CA ASN A 113 6.03 -9.15 14.66
C ASN A 113 6.03 -7.62 14.80
N GLY A 114 4.84 -7.03 14.81
CA GLY A 114 4.77 -5.59 14.95
C GLY A 114 3.47 -4.99 14.46
N LEU A 115 3.43 -3.66 14.46
CA LEU A 115 2.21 -2.91 14.22
C LEU A 115 2.37 -1.93 13.06
N ASP A 116 1.41 -1.95 12.13
CA ASP A 116 1.38 -0.95 11.06
C ASP A 116 0.29 0.08 11.38
N VAL A 117 0.64 1.36 11.40
CA VAL A 117 -0.31 2.39 11.76
C VAL A 117 -0.75 3.19 10.55
N ASP A 118 -2.05 3.10 10.22
CA ASP A 118 -2.58 3.75 9.02
C ASP A 118 -3.62 4.82 9.34
N TRP A 119 -3.19 5.91 9.97
CA TRP A 119 -4.07 7.03 10.23
C TRP A 119 -4.29 7.77 8.91
N GLU A 120 -5.51 7.75 8.40
CA GLU A 120 -5.80 8.47 7.15
C GLU A 120 -6.86 9.57 7.34
N TYR A 121 -6.42 10.83 7.48
CA TYR A 121 -5.01 11.21 7.64
C TYR A 121 -4.93 12.30 8.70
N PRO A 122 -3.78 12.43 9.37
CA PRO A 122 -3.55 13.60 10.22
C PRO A 122 -3.50 14.85 9.37
N ARG A 123 -3.99 15.94 9.91
CA ARG A 123 -4.11 17.20 9.23
C ARG A 123 -4.11 18.31 10.28
N GLY A 124 -3.21 19.28 10.16
CA GLY A 124 -3.13 20.37 11.12
C GLY A 124 -2.09 20.10 12.19
N ALA A 125 -1.65 21.16 12.86
CA ALA A 125 -0.54 21.07 13.81
C ALA A 125 -0.82 20.13 14.97
N ASP A 126 -2.04 20.18 15.49
CA ASP A 126 -2.40 19.29 16.59
C ASP A 126 -2.32 17.80 16.19
N ASP A 127 -2.87 17.46 15.02
CA ASP A 127 -2.71 16.11 14.49
C ASP A 127 -1.23 15.77 14.29
N ARG A 128 -0.47 16.71 13.73
CA ARG A 128 0.94 16.45 13.42
C ARG A 128 1.69 16.07 14.68
N ALA A 129 1.50 16.84 15.75
CA ALA A 129 2.13 16.54 17.03
C ALA A 129 1.61 15.23 17.61
N ALA A 130 0.31 14.99 17.47
CA ALA A 130 -0.30 13.79 18.03
C ALA A 130 0.21 12.53 17.34
N PHE A 131 0.40 12.61 16.03
CA PHE A 131 0.91 11.48 15.28
C PHE A 131 2.35 11.20 15.73
N VAL A 132 3.14 12.25 15.87
CA VAL A 132 4.49 12.07 16.41
C VAL A 132 4.52 11.45 17.83
N SER A 133 3.64 11.88 18.73
CA SER A 133 3.68 11.37 20.10
C SER A 133 3.31 9.91 20.10
N LEU A 134 2.38 9.55 19.21
CA LEU A 134 1.86 8.20 19.15
C LEU A 134 2.96 7.28 18.66
N LEU A 135 3.63 7.68 17.58
CA LEU A 135 4.75 6.91 17.05
C LEU A 135 5.90 6.85 18.05
N LYS A 136 6.20 8.01 18.65
CA LYS A 136 7.24 8.08 19.65
C LYS A 136 6.98 7.12 20.82
N GLU A 137 5.74 7.09 21.29
CA GLU A 137 5.40 6.23 22.43
C GLU A 137 5.38 4.75 22.10
N LEU A 138 4.86 4.39 20.93
CA LEU A 138 4.92 3.01 20.45
C LEU A 138 6.38 2.55 20.37
N ARG A 139 7.20 3.34 19.69
CA ARG A 139 8.59 2.97 19.46
C ARG A 139 9.35 2.77 20.77
N LEU A 140 9.26 3.74 21.66
CA LEU A 140 9.98 3.63 22.92
C LEU A 140 9.48 2.45 23.74
N ALA A 141 8.16 2.24 23.74
CA ALA A 141 7.62 1.14 24.51
C ALA A 141 8.02 -0.20 23.89
N PHE A 142 8.09 -0.25 22.56
CA PHE A 142 8.53 -1.46 21.88
C PHE A 142 9.95 -1.81 22.29
N GLU A 143 10.80 -0.81 22.41
CA GLU A 143 12.18 -1.01 22.78
C GLU A 143 12.23 -1.45 24.22
N GLY A 144 11.72 -0.60 25.09
CA GLY A 144 11.61 -0.86 26.50
C GLY A 144 11.10 -2.24 26.79
N GLU A 145 10.17 -2.70 25.98
CA GLU A 145 9.66 -4.03 26.12
C GLU A 145 10.65 -5.06 25.76
N ALA A 146 11.39 -4.82 24.69
CA ALA A 146 12.37 -5.80 24.28
C ALA A 146 13.44 -5.99 25.33
N LYS A 147 13.90 -4.93 25.96
CA LYS A 147 14.78 -5.06 27.10
C LYS A 147 14.21 -5.59 28.45
N THR A 148 13.08 -5.08 28.92
CA THR A 148 12.43 -5.62 30.12
C THR A 148 11.84 -6.98 29.84
N SER A 149 11.79 -7.31 28.55
CA SER A 149 11.22 -8.55 28.06
C SER A 149 12.32 -9.48 27.67
N GLY A 150 11.91 -10.55 27.01
CA GLY A 150 12.81 -11.44 26.29
C GLY A 150 13.29 -10.91 24.95
N GLN A 151 12.44 -11.03 23.92
CA GLN A 151 12.82 -11.12 22.50
C GLN A 151 13.04 -9.84 21.70
N PRO A 152 13.27 -10.04 20.40
CA PRO A 152 13.43 -8.95 19.46
C PRO A 152 12.26 -7.97 19.47
N ARG A 153 12.58 -6.71 19.34
CA ARG A 153 11.64 -5.63 19.38
C ARG A 153 10.53 -5.78 18.36
N LEU A 154 9.34 -5.38 18.74
CA LEU A 154 8.23 -5.27 17.79
C LEU A 154 8.54 -4.20 16.73
N LEU A 155 8.17 -4.49 15.48
CA LEU A 155 8.41 -3.54 14.40
C LEU A 155 7.31 -2.48 14.38
N LEU A 156 7.66 -1.26 13.97
CA LEU A 156 6.69 -0.19 13.81
C LEU A 156 6.75 0.41 12.40
N THR A 157 5.64 0.34 11.68
CA THR A 157 5.53 0.90 10.35
C THR A 157 4.28 1.78 10.24
N ALA A 158 4.21 2.57 9.16
CA ALA A 158 3.04 3.42 8.89
C ALA A 158 2.84 3.60 7.38
N ALA A 159 1.58 3.56 6.94
CA ALA A 159 1.25 3.90 5.57
C ALA A 159 1.03 5.40 5.52
N VAL A 160 1.65 6.04 4.56
CA VAL A 160 1.59 7.49 4.44
C VAL A 160 1.23 7.90 3.01
N PRO A 161 0.59 9.06 2.86
CA PRO A 161 0.12 9.49 1.54
C PRO A 161 1.25 9.98 0.63
N ALA A 162 0.93 10.02 -0.65
CA ALA A 162 1.87 10.40 -1.70
C ALA A 162 1.68 11.88 -2.06
N SER A 163 0.48 12.40 -1.83
CA SER A 163 0.20 13.80 -2.13
C SER A 163 1.08 14.75 -1.34
N PHE A 164 1.83 15.58 -2.07
CA PHE A 164 2.74 16.54 -1.45
C PHE A 164 2.00 17.51 -0.52
N GLU A 165 0.72 17.73 -0.78
CA GLU A 165 -0.09 18.59 0.08
C GLU A 165 -0.49 17.88 1.37
N ALA A 166 -0.81 16.60 1.26
CA ALA A 166 -1.13 15.80 2.44
C ALA A 166 0.12 15.65 3.32
N ILE A 167 1.28 15.58 2.69
CA ILE A 167 2.52 15.46 3.43
C ILE A 167 2.80 16.68 4.31
N ALA A 168 2.72 17.87 3.74
CA ALA A 168 2.85 19.09 4.54
C ALA A 168 1.80 19.14 5.65
N ALA A 169 0.57 18.77 5.35
CA ALA A 169 -0.51 18.98 6.31
C ALA A 169 -0.40 18.05 7.51
N GLY A 170 0.12 16.85 7.31
CA GLY A 170 0.01 15.83 8.34
C GLY A 170 1.28 15.31 8.98
N TYR A 171 2.42 15.54 8.34
CA TYR A 171 3.61 14.72 8.62
C TYR A 171 4.83 15.56 8.95
N ASP A 172 5.28 15.45 10.19
CA ASP A 172 6.59 15.95 10.58
C ASP A 172 7.59 14.88 10.14
N VAL A 173 8.07 14.99 8.91
CA VAL A 173 8.82 13.88 8.33
C VAL A 173 10.06 13.46 9.14
N PRO A 174 10.95 14.41 9.48
CA PRO A 174 12.15 13.98 10.20
C PRO A 174 11.81 13.34 11.55
N GLU A 175 10.76 13.82 12.21
CA GLU A 175 10.42 13.26 13.50
C GLU A 175 9.87 11.84 13.38
N ILE A 176 8.94 11.61 12.46
CA ILE A 176 8.36 10.28 12.33
C ILE A 176 9.40 9.29 11.83
N SER A 177 10.40 9.79 11.11
CA SER A 177 11.46 8.95 10.56
C SER A 177 12.39 8.34 11.61
N LYS A 178 12.49 8.99 12.77
CA LYS A 178 13.25 8.45 13.91
C LYS A 178 12.59 7.21 14.48
N TYR A 179 11.26 7.20 14.52
CA TYR A 179 10.54 6.17 15.28
C TYR A 179 10.05 5.01 14.41
N LEU A 180 9.75 5.29 13.15
CA LEU A 180 9.24 4.25 12.26
C LEU A 180 10.36 3.32 11.80
N ASP A 181 10.08 2.03 11.70
CA ASP A 181 11.00 1.14 11.00
C ASP A 181 10.82 1.25 9.48
N PHE A 182 9.58 1.37 9.02
CA PHE A 182 9.33 1.48 7.59
C PHE A 182 8.27 2.54 7.31
N ILE A 183 8.50 3.31 6.26
CA ILE A 183 7.55 4.30 5.80
C ILE A 183 6.95 3.80 4.48
N ASN A 184 5.69 3.38 4.50
CA ASN A 184 5.06 2.78 3.33
C ASN A 184 4.29 3.84 2.55
N VAL A 185 4.91 4.37 1.50
CA VAL A 185 4.32 5.47 0.76
C VAL A 185 3.26 4.96 -0.22
N MET A 186 2.04 5.47 -0.11
CA MET A 186 0.92 5.02 -0.93
C MET A 186 0.92 5.67 -2.32
N THR A 187 1.84 5.22 -3.16
CA THR A 187 2.04 5.81 -4.47
C THR A 187 1.10 5.22 -5.51
N TYR A 188 -0.17 5.50 -5.33
CA TYR A 188 -1.22 5.05 -6.23
C TYR A 188 -2.47 5.84 -5.87
N ASP A 189 -3.61 5.50 -6.48
CA ASP A 189 -4.81 6.34 -6.37
C ASP A 189 -4.54 7.79 -6.74
N PHE A 190 -3.61 8.03 -7.66
CA PHE A 190 -3.39 9.38 -8.16
C PHE A 190 -4.56 9.88 -9.02
N HIS A 191 -5.25 8.97 -9.67
CA HIS A 191 -6.42 9.30 -10.50
C HIS A 191 -7.46 8.21 -10.37
N GLY A 192 -8.72 8.55 -10.65
CA GLY A 192 -9.80 7.60 -10.50
C GLY A 192 -11.18 8.19 -10.72
N GLN A 193 -12.21 7.42 -10.33
CA GLN A 193 -13.60 7.65 -10.70
C GLN A 193 -14.22 8.87 -10.04
N TRP A 194 -13.46 9.53 -9.19
CA TRP A 194 -13.88 10.82 -8.64
C TRP A 194 -13.58 11.95 -9.63
N GLU A 195 -12.82 11.67 -10.67
CA GLU A 195 -12.51 12.69 -11.67
C GLU A 195 -13.38 12.47 -12.92
N ARG A 196 -13.46 13.47 -13.79
CA ARG A 196 -14.34 13.37 -14.96
C ARG A 196 -13.50 13.38 -16.24
N GLN A 197 -12.23 13.07 -16.06
CA GLN A 197 -11.30 12.80 -17.15
C GLN A 197 -10.54 11.53 -16.84
N VAL A 198 -10.20 10.81 -17.89
CA VAL A 198 -9.43 9.59 -17.79
C VAL A 198 -7.97 9.88 -17.36
N GLY A 199 -7.44 9.08 -16.43
CA GLY A 199 -6.11 9.25 -15.90
C GLY A 199 -5.60 7.97 -15.26
N HIS A 200 -4.30 7.80 -15.15
CA HIS A 200 -3.78 6.55 -14.64
C HIS A 200 -3.64 6.47 -13.11
N ASN A 201 -4.03 5.32 -12.54
CA ASN A 201 -3.93 5.04 -11.10
C ASN A 201 -2.55 5.34 -10.50
N SER A 202 -1.50 4.97 -11.22
CA SER A 202 -0.15 5.05 -10.66
C SER A 202 0.94 5.29 -11.70
N PRO A 203 0.93 6.47 -12.35
CA PRO A 203 1.95 6.71 -13.36
C PRO A 203 3.32 6.94 -12.70
N LEU A 204 4.37 6.41 -13.29
CA LEU A 204 5.71 6.56 -12.74
C LEU A 204 6.23 7.97 -13.03
N PHE A 205 6.10 8.38 -14.28
CA PHE A 205 6.57 9.70 -14.73
C PHE A 205 5.38 10.45 -15.33
N PRO A 206 5.47 11.80 -15.42
CA PRO A 206 4.32 12.51 -15.99
C PRO A 206 4.41 12.67 -17.50
N LEU A 207 3.29 13.01 -18.13
CA LEU A 207 3.30 13.40 -19.54
C LEU A 207 4.06 14.71 -19.70
N GLU A 208 4.86 14.81 -20.76
CA GLU A 208 5.66 16.00 -21.01
C GLU A 208 4.78 17.25 -21.07
N SER A 209 3.53 17.08 -21.49
CA SER A 209 2.61 18.19 -21.63
C SER A 209 1.79 18.45 -20.36
N ALA A 210 2.15 17.78 -19.26
CA ALA A 210 1.38 17.93 -18.03
C ALA A 210 1.56 19.31 -17.39
N THR A 211 0.48 19.81 -16.79
CA THR A 211 0.56 21.03 -16.00
C THR A 211 1.44 20.80 -14.78
N SER A 212 1.97 21.87 -14.20
CA SER A 212 2.97 21.75 -13.15
C SER A 212 2.40 20.99 -11.97
N TYR A 213 1.08 21.07 -11.79
CA TYR A 213 0.42 20.35 -10.72
C TYR A 213 0.23 18.86 -11.04
N GLN A 214 -0.19 18.55 -12.27
CA GLN A 214 -0.33 17.16 -12.69
C GLN A 214 1.01 16.41 -12.66
N LYS A 215 2.11 17.13 -12.85
CA LYS A 215 3.46 16.55 -12.78
C LYS A 215 3.76 15.98 -11.39
N LYS A 216 3.10 16.52 -10.38
CA LYS A 216 3.35 16.09 -9.00
C LYS A 216 2.58 14.82 -8.65
N LEU A 217 1.57 14.50 -9.45
CA LEU A 217 0.76 13.32 -9.17
C LEU A 217 1.39 12.07 -9.79
N THR A 218 2.65 11.82 -9.47
CA THR A 218 3.34 10.64 -10.01
C THR A 218 4.10 9.94 -8.91
N VAL A 219 4.41 8.66 -9.15
CA VAL A 219 5.22 7.90 -8.23
C VAL A 219 6.57 8.61 -8.00
N ASP A 220 7.24 8.97 -9.10
CA ASP A 220 8.57 9.58 -9.03
C ASP A 220 8.61 10.85 -8.20
N TYR A 221 7.70 11.78 -8.46
CA TYR A 221 7.69 13.05 -7.74
C TYR A 221 7.31 12.90 -6.26
N SER A 222 6.33 12.04 -5.99
CA SER A 222 5.91 11.75 -4.62
C SER A 222 7.05 11.19 -3.77
N ALA A 223 7.76 10.23 -4.32
CA ALA A 223 8.81 9.56 -3.57
C ALA A 223 9.95 10.54 -3.29
N ARG A 224 10.24 11.37 -4.29
CA ARG A 224 11.26 12.39 -4.19
C ARG A 224 10.85 13.44 -3.17
N GLU A 225 9.56 13.79 -3.13
CA GLU A 225 9.07 14.73 -2.11
C GLU A 225 9.28 14.20 -0.67
N TRP A 226 9.11 12.90 -0.48
CA TRP A 226 9.36 12.29 0.82
C TRP A 226 10.84 12.42 1.20
N VAL A 227 11.71 12.25 0.22
CA VAL A 227 13.15 12.39 0.44
C VAL A 227 13.48 13.84 0.78
N ARG A 228 13.02 14.75 -0.03
CA ARG A 228 13.19 16.16 0.18
C ARG A 228 12.76 16.66 1.58
N GLN A 229 11.73 16.05 2.13
CA GLN A 229 11.24 16.41 3.45
C GLN A 229 11.99 15.71 4.61
N GLY A 230 12.91 14.80 4.27
CA GLY A 230 13.80 14.23 5.27
C GLY A 230 13.71 12.73 5.49
N ALA A 231 12.85 12.04 4.76
CA ALA A 231 12.71 10.60 4.96
C ALA A 231 13.98 9.87 4.50
N PRO A 232 14.55 9.04 5.37
CA PRO A 232 15.73 8.24 5.03
C PRO A 232 15.36 7.17 3.99
N LYS A 233 16.13 7.13 2.92
CA LYS A 233 15.78 6.31 1.76
C LYS A 233 15.63 4.84 2.09
N GLU A 234 16.47 4.36 3.00
CA GLU A 234 16.45 2.95 3.40
C GLU A 234 15.17 2.55 4.15
N LYS A 235 14.44 3.53 4.68
CA LYS A 235 13.18 3.24 5.35
C LYS A 235 11.98 3.44 4.44
N LEU A 236 12.20 4.05 3.27
CA LEU A 236 11.09 4.36 2.37
C LEU A 236 10.74 3.15 1.53
N MET A 237 9.52 2.64 1.70
CA MET A 237 9.04 1.52 0.89
C MET A 237 7.99 2.05 -0.09
N ILE A 238 8.30 2.01 -1.38
CA ILE A 238 7.45 2.65 -2.38
C ILE A 238 6.26 1.75 -2.74
N GLY A 239 5.05 2.29 -2.65
CA GLY A 239 3.84 1.52 -2.90
C GLY A 239 3.61 1.07 -4.34
N MET A 240 3.29 -0.21 -4.49
CA MET A 240 3.06 -0.81 -5.80
C MET A 240 1.67 -1.41 -5.78
N PRO A 241 0.80 -0.95 -6.66
CA PRO A 241 -0.59 -1.44 -6.67
C PRO A 241 -0.75 -2.67 -7.57
N THR A 242 -1.55 -3.64 -7.13
CA THR A 242 -1.86 -4.78 -7.96
C THR A 242 -3.29 -4.67 -8.47
N TYR A 243 -3.75 -3.44 -8.59
CA TYR A 243 -5.09 -3.18 -9.11
C TYR A 243 -5.02 -1.98 -10.05
N GLY A 244 -6.13 -1.73 -10.73
CA GLY A 244 -6.24 -0.60 -11.62
C GLY A 244 -7.51 0.19 -11.34
N ARG A 245 -7.63 1.35 -12.00
CA ARG A 245 -8.82 2.15 -11.86
C ARG A 245 -9.38 2.45 -13.21
N SER A 246 -10.70 2.34 -13.30
CA SER A 246 -11.41 2.29 -14.56
C SER A 246 -12.39 3.44 -14.70
N PHE A 247 -12.80 3.68 -15.95
CA PHE A 247 -13.67 4.80 -16.27
C PHE A 247 -14.67 4.37 -17.32
N THR A 248 -15.85 4.98 -17.29
CA THR A 248 -16.77 4.93 -18.41
C THR A 248 -16.56 6.20 -19.24
N LEU A 249 -16.25 6.02 -20.52
CA LEU A 249 -15.96 7.13 -21.44
C LEU A 249 -17.22 7.85 -21.92
N ILE A 250 -17.16 9.17 -21.98
CA ILE A 250 -18.25 9.94 -22.58
C ILE A 250 -18.35 9.62 -24.08
N ASN A 251 -17.20 9.49 -24.73
CA ASN A 251 -17.15 9.31 -26.17
C ASN A 251 -16.13 8.22 -26.48
N ASP A 252 -16.60 7.11 -27.06
CA ASP A 252 -15.76 5.95 -27.34
C ASP A 252 -14.54 6.25 -28.22
N THR A 253 -14.65 7.31 -29.01
CA THR A 253 -13.55 7.67 -29.91
C THR A 253 -12.51 8.49 -29.19
N GLN A 254 -12.83 8.92 -27.97
CA GLN A 254 -11.89 9.68 -27.15
C GLN A 254 -11.42 8.82 -26.00
N PHE A 255 -10.21 8.28 -26.14
CA PHE A 255 -9.71 7.28 -25.22
C PHE A 255 -8.32 7.60 -24.70
N ASP A 256 -7.80 8.77 -25.04
CA ASP A 256 -6.46 9.14 -24.56
C ASP A 256 -6.52 9.73 -23.17
N ILE A 257 -5.35 9.85 -22.54
CA ILE A 257 -5.22 10.50 -21.24
C ILE A 257 -5.87 11.88 -21.27
N GLY A 258 -6.84 12.12 -20.39
CA GLY A 258 -7.56 13.37 -20.39
C GLY A 258 -8.93 13.35 -21.04
N ALA A 259 -9.24 12.26 -21.74
CA ALA A 259 -10.57 12.09 -22.35
C ALA A 259 -11.69 12.21 -21.30
N PRO A 260 -12.82 12.82 -21.67
CA PRO A 260 -13.98 13.00 -20.78
C PRO A 260 -14.56 11.67 -20.30
N ALA A 261 -14.98 11.62 -19.05
CA ALA A 261 -15.51 10.38 -18.47
C ALA A 261 -16.69 10.73 -17.58
N SER A 262 -17.68 9.87 -17.52
CA SER A 262 -18.86 10.18 -16.74
C SER A 262 -18.78 9.60 -15.34
N GLY A 263 -17.89 8.65 -15.16
CA GLY A 263 -17.72 7.96 -13.90
C GLY A 263 -16.83 6.76 -13.99
N GLY A 264 -16.87 5.94 -12.97
CA GLY A 264 -16.22 4.66 -12.98
C GLY A 264 -16.63 3.69 -14.07
N GLY A 265 -15.74 2.77 -14.42
CA GLY A 265 -16.00 1.64 -15.28
C GLY A 265 -16.79 0.56 -14.57
N GLN A 266 -17.40 -0.31 -15.34
CA GLN A 266 -18.11 -1.47 -14.91
C GLN A 266 -17.27 -2.26 -13.96
N ALA A 267 -17.85 -2.61 -12.84
CA ALA A 267 -17.21 -3.40 -11.83
C ALA A 267 -16.74 -4.75 -12.31
N GLY A 268 -15.74 -5.27 -11.63
CA GLY A 268 -15.29 -6.58 -11.92
C GLY A 268 -16.20 -7.48 -11.15
N ARG A 269 -16.29 -8.71 -11.60
CA ARG A 269 -17.17 -9.65 -11.00
C ARG A 269 -16.75 -10.05 -9.63
N PHE A 270 -15.55 -9.73 -9.21
CA PHE A 270 -15.11 -10.21 -7.93
C PHE A 270 -14.96 -9.11 -6.89
N THR A 271 -14.53 -7.95 -7.30
CA THR A 271 -14.36 -6.88 -6.34
C THR A 271 -15.57 -5.97 -6.19
N ASN A 272 -16.52 -6.03 -7.11
CA ASN A 272 -17.81 -5.38 -6.96
C ASN A 272 -17.73 -3.93 -6.56
N GLU A 273 -16.93 -3.18 -7.26
CA GLU A 273 -16.84 -1.77 -7.09
C GLU A 273 -16.54 -1.16 -8.44
N ALA A 274 -17.48 -0.43 -8.99
CA ALA A 274 -17.27 0.31 -10.22
C ALA A 274 -16.13 1.29 -10.00
N GLY A 275 -15.28 1.46 -11.01
CA GLY A 275 -14.10 2.29 -10.85
C GLY A 275 -12.85 1.51 -10.44
N PHE A 276 -13.01 0.24 -10.09
CA PHE A 276 -11.93 -0.55 -9.49
C PHE A 276 -11.87 -1.98 -10.07
N MET A 277 -10.66 -2.49 -10.26
CA MET A 277 -10.44 -3.85 -10.75
C MET A 277 -9.15 -4.44 -10.17
N SER A 278 -9.23 -5.66 -9.64
CA SER A 278 -8.02 -6.39 -9.28
C SER A 278 -7.29 -6.79 -10.55
N TYR A 279 -6.04 -7.23 -10.43
CA TYR A 279 -5.28 -7.61 -11.60
C TYR A 279 -5.88 -8.78 -12.36
N TYR A 280 -6.39 -9.78 -11.64
CA TYR A 280 -6.99 -10.92 -12.35
C TYR A 280 -8.26 -10.48 -13.08
N GLU A 281 -8.92 -9.45 -12.56
CA GLU A 281 -10.04 -8.86 -13.29
C GLU A 281 -9.58 -8.08 -14.52
N ILE A 282 -8.44 -7.38 -14.41
CA ILE A 282 -7.86 -6.71 -15.58
C ILE A 282 -7.64 -7.71 -16.71
N CYS A 283 -7.01 -8.83 -16.38
CA CYS A 283 -6.67 -9.82 -17.39
C CYS A 283 -7.93 -10.31 -18.09
N GLU A 284 -9.00 -10.51 -17.34
CA GLU A 284 -10.30 -10.83 -17.92
C GLU A 284 -10.76 -9.75 -18.88
N PHE A 285 -10.60 -8.49 -18.48
CA PHE A 285 -10.98 -7.37 -19.32
C PHE A 285 -10.16 -7.40 -20.61
N LEU A 286 -8.90 -7.74 -20.52
CA LEU A 286 -8.02 -7.71 -21.66
C LEU A 286 -8.33 -8.80 -22.68
N ARG A 287 -8.87 -9.92 -22.24
CA ARG A 287 -9.18 -10.95 -23.17
C ARG A 287 -10.55 -10.87 -23.80
N GLU A 288 -11.29 -9.82 -23.55
CA GLU A 288 -12.49 -9.56 -24.28
C GLU A 288 -12.06 -9.15 -25.68
N ASP A 289 -13.02 -9.12 -26.59
CA ASP A 289 -12.74 -9.00 -27.98
C ASP A 289 -12.68 -7.57 -28.33
N ASN A 290 -11.68 -7.19 -29.09
CA ASN A 290 -11.54 -5.82 -29.49
C ASN A 290 -10.97 -4.90 -28.42
N THR A 291 -10.45 -5.44 -27.35
CA THR A 291 -9.87 -4.56 -26.36
C THR A 291 -8.45 -4.21 -26.74
N THR A 292 -8.19 -2.93 -26.94
CA THR A 292 -6.88 -2.46 -27.28
C THR A 292 -6.01 -2.06 -26.08
N LEU A 293 -4.86 -2.70 -25.98
CA LEU A 293 -3.86 -2.41 -24.98
C LEU A 293 -2.91 -1.36 -25.48
N VAL A 294 -2.60 -0.40 -24.66
CA VAL A 294 -1.69 0.66 -25.02
C VAL A 294 -0.56 0.73 -23.98
N TRP A 295 0.64 1.08 -24.42
CA TRP A 295 1.76 1.37 -23.56
C TRP A 295 1.99 2.85 -23.56
N ASP A 296 1.90 3.50 -22.42
CA ASP A 296 2.18 4.93 -22.35
C ASP A 296 3.67 5.09 -22.12
N ASN A 297 4.39 5.52 -23.16
CA ASN A 297 5.83 5.56 -23.05
C ASN A 297 6.39 6.73 -22.25
N GLU A 298 5.58 7.75 -21.99
CA GLU A 298 6.01 8.81 -21.07
C GLU A 298 5.73 8.43 -19.61
N GLN A 299 4.49 8.01 -19.33
CA GLN A 299 4.09 7.67 -17.97
C GLN A 299 4.68 6.34 -17.55
N MET A 300 4.97 5.52 -18.55
CA MET A 300 5.59 4.21 -18.38
C MET A 300 4.72 3.17 -17.69
N VAL A 301 3.44 3.19 -18.06
CA VAL A 301 2.44 2.28 -17.53
C VAL A 301 1.45 1.91 -18.63
N PRO A 302 0.76 0.79 -18.47
CA PRO A 302 -0.21 0.47 -19.51
C PRO A 302 -1.61 0.97 -19.17
N PHE A 303 -2.45 1.02 -20.21
CA PHE A 303 -3.89 1.12 -20.05
C PHE A 303 -4.59 0.42 -21.23
N ALA A 304 -5.89 0.21 -21.09
CA ALA A 304 -6.65 -0.52 -22.10
C ALA A 304 -8.06 0.04 -22.20
N TYR A 305 -8.61 0.01 -23.40
CA TYR A 305 -9.95 0.44 -23.67
C TYR A 305 -10.72 -0.46 -24.65
N ARG A 306 -11.97 -0.73 -24.33
CA ARG A 306 -12.93 -1.38 -25.20
C ARG A 306 -14.36 -0.84 -25.23
N GLU A 307 -14.72 -0.14 -26.27
CA GLU A 307 -15.94 0.61 -26.28
C GLU A 307 -15.73 1.54 -25.09
N ASP A 308 -16.81 1.91 -24.41
CA ASP A 308 -16.87 3.03 -23.47
C ASP A 308 -16.16 2.75 -22.15
N GLN A 309 -15.43 1.66 -22.12
CA GLN A 309 -14.73 1.22 -20.93
C GLN A 309 -13.22 1.39 -21.09
N TRP A 310 -12.59 1.98 -20.07
CA TRP A 310 -11.17 2.35 -20.08
C TRP A 310 -10.59 1.97 -18.72
N VAL A 311 -9.45 1.28 -18.70
CA VAL A 311 -8.81 0.94 -17.42
C VAL A 311 -7.30 1.20 -17.42
N GLY A 312 -6.83 1.88 -16.38
CA GLY A 312 -5.40 2.16 -16.20
C GLY A 312 -4.87 1.29 -15.08
N PHE A 313 -3.76 0.58 -15.31
CA PHE A 313 -3.33 -0.45 -14.38
C PHE A 313 -1.82 -0.67 -14.39
N ASP A 314 -1.35 -1.60 -13.58
CA ASP A 314 0.06 -1.98 -13.62
C ASP A 314 0.21 -3.44 -14.01
N ASP A 315 1.16 -3.70 -14.91
CA ASP A 315 1.46 -5.08 -15.31
C ASP A 315 2.92 -5.40 -15.04
N GLU A 316 3.36 -6.57 -15.54
CA GLU A 316 4.74 -7.01 -15.35
C GLU A 316 5.75 -5.98 -15.83
N ARG A 317 5.47 -5.38 -16.97
CA ARG A 317 6.40 -4.44 -17.58
C ARG A 317 6.50 -3.10 -16.82
N SER A 318 5.37 -2.58 -16.34
CA SER A 318 5.39 -1.33 -15.61
C SER A 318 6.01 -1.47 -14.20
N LEU A 319 5.75 -2.61 -13.56
CA LEU A 319 6.31 -2.90 -12.24
C LEU A 319 7.84 -3.14 -12.30
N LYS A 320 8.29 -3.89 -13.30
CA LYS A 320 9.71 -4.05 -13.55
C LYS A 320 10.39 -2.71 -13.80
N THR A 321 9.74 -1.85 -14.58
CA THR A 321 10.27 -0.53 -14.90
C THR A 321 10.36 0.28 -13.60
N LYS A 322 9.34 0.13 -12.77
CA LYS A 322 9.34 0.79 -11.47
C LYS A 322 10.48 0.27 -10.59
N MET A 323 10.74 -1.02 -10.63
CA MET A 323 11.87 -1.55 -9.86
C MET A 323 13.20 -0.94 -10.36
N ALA A 324 13.34 -0.76 -11.67
CA ALA A 324 14.57 -0.16 -12.22
C ALA A 324 14.71 1.26 -11.73
N TRP A 325 13.63 2.03 -11.79
CA TRP A 325 13.62 3.35 -11.18
C TRP A 325 13.98 3.28 -9.68
N LEU A 326 13.36 2.36 -8.97
CA LEU A 326 13.57 2.20 -7.55
C LEU A 326 15.04 2.05 -7.17
N LYS A 327 15.71 1.12 -7.83
CA LYS A 327 17.11 0.86 -7.54
C LYS A 327 18.00 2.07 -7.88
N GLU A 328 17.70 2.71 -8.99
CA GLU A 328 18.43 3.89 -9.44
C GLU A 328 18.35 5.02 -8.38
N GLU A 329 17.14 5.25 -7.88
CA GLU A 329 16.94 6.24 -6.82
C GLU A 329 17.49 5.75 -5.47
N GLY A 330 17.57 4.44 -5.28
CA GLY A 330 18.14 3.92 -4.05
C GLY A 330 17.18 3.77 -2.87
N PHE A 331 15.91 3.53 -3.14
CA PHE A 331 14.96 3.29 -2.05
C PHE A 331 15.16 1.93 -1.36
N GLY A 332 14.60 1.81 -0.16
CA GLY A 332 14.84 0.64 0.65
C GLY A 332 14.02 -0.59 0.30
N GLY A 333 12.96 -0.41 -0.49
CA GLY A 333 12.17 -1.56 -0.86
C GLY A 333 10.79 -1.16 -1.35
N ILE A 334 9.87 -2.11 -1.35
CA ILE A 334 8.52 -1.81 -1.82
C ILE A 334 7.46 -2.21 -0.83
N MET A 335 6.30 -1.57 -0.97
CA MET A 335 5.11 -2.00 -0.28
C MET A 335 4.14 -2.40 -1.38
N VAL A 336 3.34 -3.44 -1.14
CA VAL A 336 2.42 -3.91 -2.17
C VAL A 336 0.98 -3.85 -1.67
N TRP A 337 0.13 -3.14 -2.40
CA TRP A 337 -1.30 -3.18 -2.13
C TRP A 337 -2.04 -3.76 -3.34
N SER A 338 -2.47 -5.02 -3.26
CA SER A 338 -2.23 -5.89 -2.12
C SER A 338 -2.03 -7.31 -2.67
N VAL A 339 -1.57 -8.22 -1.81
CA VAL A 339 -1.21 -9.56 -2.23
C VAL A 339 -2.41 -10.36 -2.73
N ASP A 340 -3.58 -10.07 -2.18
CA ASP A 340 -4.80 -10.76 -2.55
C ASP A 340 -5.36 -10.35 -3.90
N MET A 341 -4.81 -9.28 -4.48
CA MET A 341 -5.33 -8.80 -5.77
C MET A 341 -4.37 -9.02 -6.95
N ASP A 342 -3.17 -9.52 -6.66
CA ASP A 342 -2.30 -10.04 -7.71
C ASP A 342 -2.99 -11.31 -8.19
N ASP A 343 -2.67 -11.75 -9.41
CA ASP A 343 -3.26 -12.99 -9.92
C ASP A 343 -2.70 -14.22 -9.17
N PHE A 344 -3.15 -14.37 -7.94
CA PHE A 344 -2.67 -15.43 -7.07
C PHE A 344 -3.12 -16.83 -7.51
N ARG A 345 -3.95 -16.91 -8.55
CA ARG A 345 -4.39 -18.21 -9.06
C ARG A 345 -3.79 -18.54 -10.42
N GLY A 346 -3.04 -17.60 -10.98
CA GLY A 346 -2.42 -17.80 -12.28
C GLY A 346 -3.42 -17.96 -13.41
N SER A 347 -4.54 -17.26 -13.30
CA SER A 347 -5.57 -17.33 -14.33
C SER A 347 -5.35 -16.33 -15.49
N CYS A 348 -4.31 -15.49 -15.38
CA CYS A 348 -3.99 -14.56 -16.46
C CYS A 348 -3.21 -15.25 -17.57
N GLY A 349 -2.68 -16.44 -17.27
CA GLY A 349 -2.00 -17.21 -18.29
C GLY A 349 -0.48 -17.15 -18.17
N THR A 350 0.02 -16.26 -17.32
CA THR A 350 1.39 -16.40 -16.89
C THR A 350 1.33 -17.17 -15.57
N GLY A 351 2.37 -17.02 -14.75
CA GLY A 351 2.46 -17.79 -13.54
C GLY A 351 1.58 -17.27 -12.42
N LYS A 352 1.63 -17.95 -11.28
CA LYS A 352 1.00 -17.46 -10.08
C LYS A 352 1.74 -16.20 -9.62
N TYR A 353 0.99 -15.29 -9.00
CA TYR A 353 1.53 -14.03 -8.53
C TYR A 353 2.46 -13.36 -9.55
N PRO A 354 1.97 -13.15 -10.78
CA PRO A 354 2.89 -12.63 -11.81
C PRO A 354 3.39 -11.21 -11.52
N LEU A 355 2.61 -10.42 -10.80
CA LEU A 355 3.01 -9.04 -10.56
C LEU A 355 4.10 -8.98 -9.50
N ILE A 356 3.87 -9.63 -8.37
CA ILE A 356 4.85 -9.58 -7.29
C ILE A 356 6.11 -10.36 -7.67
N THR A 357 5.94 -11.43 -8.45
CA THR A 357 7.07 -12.22 -8.93
C THR A 357 7.99 -11.34 -9.78
N ALA A 358 7.37 -10.62 -10.71
CA ALA A 358 8.11 -9.75 -11.61
C ALA A 358 8.91 -8.69 -10.86
N MET A 359 8.33 -8.13 -9.81
CA MET A 359 9.05 -7.16 -8.99
C MET A 359 10.18 -7.81 -8.23
N LYS A 360 9.86 -8.94 -7.61
CA LYS A 360 10.84 -9.67 -6.84
C LYS A 360 12.05 -10.09 -7.70
N GLN A 361 11.79 -10.59 -8.90
CA GLN A 361 12.91 -11.01 -9.74
C GLN A 361 13.77 -9.82 -10.20
N GLU A 362 13.13 -8.69 -10.41
CA GLU A 362 13.86 -7.52 -10.81
C GLU A 362 14.63 -6.90 -9.65
N LEU A 363 14.22 -7.19 -8.44
CA LEU A 363 14.92 -6.73 -7.23
C LEU A 363 16.07 -7.65 -6.79
N SER A 364 16.15 -8.85 -7.36
CA SER A 364 17.20 -9.79 -6.99
C SER A 364 18.59 -9.19 -7.25
N GLY A 365 19.48 -9.26 -6.26
CA GLY A 365 20.82 -8.71 -6.41
C GLY A 365 20.98 -7.27 -5.93
N TYR A 366 19.86 -6.55 -5.83
CA TYR A 366 19.90 -5.15 -5.41
C TYR A 366 20.33 -5.03 -3.96
N LYS A 367 21.34 -4.22 -3.70
CA LYS A 367 21.66 -3.86 -2.33
C LYS A 367 21.46 -2.37 -2.15
N VAL A 368 20.82 -1.96 -1.07
CA VAL A 368 20.60 -0.53 -0.87
C VAL A 368 21.80 0.11 -0.17
N LYS A 369 22.29 1.18 -0.77
CA LYS A 369 23.42 1.90 -0.28
C LYS A 369 23.20 3.38 -0.30
N LEU A 370 23.45 4.03 0.81
CA LEU A 370 23.21 5.46 0.87
C LEU A 370 24.43 6.26 0.36
N GLU A 371 24.20 7.28 -0.44
CA GLU A 371 25.25 8.11 -0.97
C GLU A 371 24.72 9.47 -1.30
N TYR A 372 25.59 10.48 -1.39
CA TYR A 372 25.19 11.84 -1.79
C TYR A 372 24.49 11.80 -3.14
N ASP A 373 23.29 12.37 -3.18
CA ASP A 373 22.46 12.28 -4.37
C ASP A 373 22.04 13.65 -4.88
N GLY A 374 22.84 14.67 -4.58
CA GLY A 374 22.53 16.03 -5.00
C GLY A 374 21.33 16.61 -4.26
N PRO A 375 20.88 17.80 -4.67
CA PRO A 375 19.62 18.39 -4.17
C PRO A 375 18.41 17.81 -4.91
#